data_2JB8
#
_entry.id   2JB8
#
_cell.length_a   106.500
_cell.length_b   106.500
_cell.length_c   71.200
_cell.angle_alpha   90.00
_cell.angle_beta   90.00
_cell.angle_gamma   120.00
#
_symmetry.space_group_name_H-M   'H 3'
#
loop_
_entity.id
_entity.type
_entity.pdbx_description
1 polymer 'DEACETOXYCEPHALOSPORIN C SYNTHETASE'
2 non-polymer 'FE (III) ION'
3 non-polymer '4,5-DIOXOPENTANOIC ACID'
4 water water
#
_entity_poly.entity_id   1
_entity_poly.type   'polypeptide(L)'
_entity_poly.pdbx_seq_one_letter_code
;MDTTVPTFSLAELQQGLHQDEFRRCLRDKGLFYLTDCGLTDTELKSAKDLVIDFFEHGSEAEKRAVTSPVPTMRRGFTGL
ESESTAQITNTGSYSDYSMCYSMGTADNLFPSGDFERIWTQYFDRQYTASRAVAREVLRATGTEPDGGVEAFLDCEPLLR
FRYFPQVPEHRSAEEQPLRMAPHYDLSMVTLIQQTPCANGFVSLQAEVGGAFTDLPYRPDAVLVFCGAIATLVTGGQVKA
PRHHVAAPRRDQIAGSSRTSSVFFLRPNADFTFSVPLARECGFDVSLDGETATFQDWIGGNYVNIRRTSKA
;
_entity_poly.pdbx_strand_id   A
#
# COMPACT_ATOMS: atom_id res chain seq x y z
N MET A 1 6.54 7.02 25.20
CA MET A 1 6.79 5.55 25.13
C MET A 1 5.62 4.83 24.44
N ASP A 2 4.54 5.57 24.14
CA ASP A 2 3.29 4.93 23.67
C ASP A 2 3.43 4.31 22.27
N THR A 3 3.58 2.98 22.26
CA THR A 3 3.97 2.22 21.08
C THR A 3 2.75 1.57 20.40
N THR A 4 1.57 2.12 20.69
CA THR A 4 0.33 1.56 20.20
C THR A 4 0.11 2.06 18.78
N VAL A 5 -0.22 1.13 17.88
CA VAL A 5 -0.62 1.53 16.51
C VAL A 5 -2.04 2.09 16.58
N PRO A 6 -2.21 3.38 16.28
CA PRO A 6 -3.53 4.01 16.41
C PRO A 6 -4.48 3.68 15.27
N THR A 7 -5.75 4.02 15.48
CA THR A 7 -6.79 3.94 14.46
C THR A 7 -7.43 5.30 14.31
N PHE A 8 -7.65 5.70 13.05
CA PHE A 8 -8.39 6.88 12.72
C PHE A 8 -9.53 6.54 11.79
N SER A 9 -10.65 7.24 12.00
CA SER A 9 -11.76 7.21 11.06
C SER A 9 -11.50 8.19 9.91
N LEU A 10 -11.55 7.69 8.68
CA LEU A 10 -11.27 8.55 7.53
C LEU A 10 -12.29 9.69 7.54
N ALA A 11 -13.55 9.33 7.75
CA ALA A 11 -14.66 10.27 7.79
C ALA A 11 -14.38 11.36 8.82
N GLU A 12 -13.95 10.97 10.01
CA GLU A 12 -13.62 11.94 11.05
C GLU A 12 -12.46 12.85 10.66
N LEU A 13 -11.41 12.30 10.05
CA LEU A 13 -10.27 13.10 9.59
C LEU A 13 -10.74 14.11 8.54
N GLN A 14 -11.57 13.63 7.62
CA GLN A 14 -12.19 14.47 6.58
C GLN A 14 -13.02 15.61 7.15
N GLN A 15 -13.57 15.41 8.36
CA GLN A 15 -14.30 16.47 9.09
C GLN A 15 -13.35 17.47 9.78
N GLY A 16 -12.04 17.21 9.70
CA GLY A 16 -11.05 18.04 10.38
C GLY A 16 -10.86 17.73 11.88
N LEU A 17 -11.27 16.53 12.29
CA LEU A 17 -11.10 16.08 13.66
C LEU A 17 -9.74 15.40 13.85
N HIS A 18 -9.24 15.41 15.08
CA HIS A 18 -7.98 14.74 15.46
C HIS A 18 -6.76 15.15 14.63
N GLN A 19 -6.62 16.42 14.25
CA GLN A 19 -5.48 16.81 13.39
C GLN A 19 -4.13 16.68 14.11
N ASP A 20 -4.10 17.02 15.40
CA ASP A 20 -2.88 16.90 16.18
C ASP A 20 -2.47 15.46 16.31
N GLU A 21 -3.41 14.60 16.70
CA GLU A 21 -3.16 13.18 16.89
C GLU A 21 -2.69 12.57 15.56
N PHE A 22 -3.33 12.97 14.46
CA PHE A 22 -2.98 12.47 13.12
C PHE A 22 -1.58 12.93 12.69
N ARG A 23 -1.28 14.23 12.80
CA ARG A 23 0.06 14.75 12.47
C ARG A 23 1.11 14.03 13.28
N ARG A 24 0.87 13.92 14.57
CA ARG A 24 1.84 13.25 15.44
C ARG A 24 2.08 11.77 15.04
N CYS A 25 1.00 11.05 14.74
CA CYS A 25 1.12 9.67 14.28
C CYS A 25 1.95 9.59 12.99
N LEU A 26 1.64 10.47 12.05
CA LEU A 26 2.39 10.47 10.81
C LEU A 26 3.87 10.71 11.01
N ARG A 27 4.20 11.61 11.93
CA ARG A 27 5.58 12.03 12.18
C ARG A 27 6.34 10.93 12.95
N ASP A 28 5.71 10.38 13.98
CA ASP A 28 6.41 9.48 14.90
C ASP A 28 6.27 8.00 14.62
N LYS A 29 5.24 7.63 13.87
CA LYS A 29 4.95 6.22 13.60
C LYS A 29 4.81 5.90 12.12
N GLY A 30 4.10 6.75 11.37
CA GLY A 30 3.97 6.49 9.93
C GLY A 30 3.05 5.34 9.57
N LEU A 31 2.22 4.92 10.51
CA LEU A 31 1.28 3.86 10.17
C LEU A 31 0.12 3.91 11.14
N PHE A 32 -1.00 3.37 10.70
CA PHE A 32 -2.24 3.46 11.48
C PHE A 32 -3.28 2.60 10.82
N TYR A 33 -4.26 2.18 11.60
CA TYR A 33 -5.47 1.56 11.04
C TYR A 33 -6.44 2.63 10.61
N LEU A 34 -7.20 2.36 9.56
CA LEU A 34 -8.15 3.33 9.02
C LEU A 34 -9.55 2.68 8.92
N THR A 35 -10.51 3.28 9.61
CA THR A 35 -11.93 2.86 9.55
C THR A 35 -12.71 3.86 8.68
N ASP A 36 -13.97 3.52 8.39
CA ASP A 36 -14.90 4.47 7.75
C ASP A 36 -14.34 5.02 6.43
N CYS A 37 -13.80 4.13 5.61
CA CYS A 37 -13.12 4.50 4.34
C CYS A 37 -13.72 3.78 3.13
N GLY A 38 -14.89 3.18 3.31
CA GLY A 38 -15.57 2.46 2.24
C GLY A 38 -15.03 1.08 1.94
N LEU A 39 -14.22 0.55 2.85
CA LEU A 39 -13.57 -0.75 2.63
C LEU A 39 -14.03 -1.79 3.63
N THR A 40 -15.03 -2.59 3.25
CA THR A 40 -15.71 -3.50 4.18
C THR A 40 -15.11 -4.90 4.18
N ASP A 41 -15.20 -5.57 5.31
CA ASP A 41 -14.79 -6.97 5.37
C ASP A 41 -15.61 -7.85 4.40
N THR A 42 -16.89 -7.51 4.22
CA THR A 42 -17.77 -8.32 3.35
C THR A 42 -17.26 -8.28 1.90
N GLU A 43 -16.85 -7.10 1.44
CA GLU A 43 -16.25 -6.96 0.11
C GLU A 43 -14.90 -7.68 -0.04
N LEU A 44 -14.02 -7.52 0.94
CA LEU A 44 -12.77 -8.28 0.96
C LEU A 44 -13.07 -9.75 0.71
N LYS A 45 -14.09 -10.28 1.40
CA LYS A 45 -14.45 -11.69 1.25
C LYS A 45 -15.00 -12.00 -0.14
N SER A 46 -15.81 -11.10 -0.70
CA SER A 46 -16.33 -11.23 -2.07
C SER A 46 -15.18 -11.39 -3.08
N ALA A 47 -14.26 -10.44 -3.07
CA ALA A 47 -13.12 -10.47 -3.97
C ALA A 47 -12.14 -11.61 -3.68
N LYS A 48 -11.87 -11.87 -2.39
CA LYS A 48 -10.99 -12.95 -1.96
C LYS A 48 -11.51 -14.32 -2.37
N ASP A 49 -12.81 -14.54 -2.18
CA ASP A 49 -13.42 -15.82 -2.53
C ASP A 49 -13.22 -16.18 -3.99
N LEU A 50 -13.52 -15.24 -4.90
CA LEU A 50 -13.45 -15.54 -6.32
C LEU A 50 -12.01 -15.63 -6.87
N VAL A 51 -11.08 -14.92 -6.26
CA VAL A 51 -9.69 -15.11 -6.63
C VAL A 51 -9.09 -16.39 -6.01
N ILE A 52 -9.54 -16.78 -4.82
CA ILE A 52 -9.10 -18.04 -4.20
C ILE A 52 -9.62 -19.23 -4.99
N ASP A 53 -10.86 -19.10 -5.47
CA ASP A 53 -11.47 -20.09 -6.36
C ASP A 53 -10.67 -20.24 -7.64
N PHE A 54 -10.25 -19.11 -8.22
CA PHE A 54 -9.37 -19.12 -9.38
C PHE A 54 -8.01 -19.78 -9.08
N PHE A 55 -7.41 -19.43 -7.94
CA PHE A 55 -6.10 -19.99 -7.55
C PHE A 55 -6.16 -21.51 -7.40
N GLU A 56 -7.24 -22.00 -6.81
CA GLU A 56 -7.33 -23.41 -6.48
C GLU A 56 -7.82 -24.24 -7.66
N HIS A 57 -8.73 -23.66 -8.45
CA HIS A 57 -9.52 -24.42 -9.41
C HIS A 57 -9.32 -24.04 -10.87
N GLY A 58 -8.70 -22.88 -11.11
CA GLY A 58 -8.36 -22.46 -12.46
C GLY A 58 -7.41 -23.47 -13.10
N SER A 59 -7.60 -23.75 -14.39
CA SER A 59 -6.68 -24.63 -15.11
C SER A 59 -5.39 -23.92 -15.43
N GLU A 60 -4.35 -24.67 -15.79
CA GLU A 60 -3.13 -24.03 -16.30
C GLU A 60 -3.42 -23.16 -17.54
N ALA A 61 -4.38 -23.59 -18.36
CA ALA A 61 -4.80 -22.83 -19.55
C ALA A 61 -5.48 -21.51 -19.19
N GLU A 62 -6.36 -21.54 -18.20
CA GLU A 62 -7.03 -20.34 -17.73
C GLU A 62 -6.02 -19.40 -17.10
N LYS A 63 -5.10 -19.99 -16.32
CA LYS A 63 -4.03 -19.22 -15.67
C LYS A 63 -3.09 -18.58 -16.68
N ARG A 64 -2.65 -19.35 -17.67
CA ARG A 64 -1.80 -18.83 -18.73
C ARG A 64 -2.47 -17.64 -19.48
N ALA A 65 -3.78 -17.73 -19.68
CA ALA A 65 -4.54 -16.69 -20.40
C ALA A 65 -4.49 -15.36 -19.67
N VAL A 66 -4.23 -15.39 -18.37
CA VAL A 66 -4.16 -14.14 -17.60
C VAL A 66 -2.80 -14.01 -16.90
N THR A 67 -1.77 -14.62 -17.52
CA THR A 67 -0.40 -14.47 -17.06
C THR A 67 0.37 -13.61 -18.08
N SER A 68 1.06 -12.57 -17.60
CA SER A 68 1.93 -11.74 -18.46
C SER A 68 3.10 -12.57 -19.02
N PRO A 69 3.61 -12.20 -20.21
CA PRO A 69 4.74 -12.94 -20.76
C PRO A 69 6.05 -12.67 -20.03
N VAL A 70 6.12 -11.58 -19.27
CA VAL A 70 7.22 -11.39 -18.32
C VAL A 70 6.66 -11.47 -16.92
N PRO A 71 7.36 -12.20 -16.04
CA PRO A 71 6.78 -12.50 -14.73
C PRO A 71 6.98 -11.36 -13.69
N THR A 72 6.41 -10.19 -13.96
CA THR A 72 6.64 -8.99 -13.16
C THR A 72 5.68 -8.80 -11.97
N MET A 73 4.59 -9.55 -11.95
CA MET A 73 3.56 -9.37 -10.91
C MET A 73 2.95 -7.98 -11.00
N ARG A 74 2.95 -7.41 -12.19
CA ARG A 74 2.28 -6.15 -12.45
C ARG A 74 0.78 -6.36 -12.73
N ARG A 75 0.45 -7.35 -13.56
CA ARG A 75 -0.92 -7.58 -13.96
C ARG A 75 -1.19 -9.09 -14.04
N GLY A 76 -2.40 -9.46 -13.68
CA GLY A 76 -2.83 -10.83 -13.82
C GLY A 76 -2.21 -11.77 -12.81
N PHE A 77 -2.09 -13.02 -13.21
CA PHE A 77 -1.74 -14.09 -12.28
C PHE A 77 -0.23 -14.33 -12.23
N THR A 78 0.32 -14.61 -11.05
CA THR A 78 1.73 -14.99 -10.91
C THR A 78 1.81 -16.15 -9.96
N GLY A 79 2.31 -17.28 -10.45
CA GLY A 79 2.59 -18.43 -9.58
C GLY A 79 4.01 -18.31 -9.05
N LEU A 80 4.21 -18.58 -7.76
CA LEU A 80 5.51 -18.40 -7.09
C LEU A 80 5.98 -19.64 -6.33
N SER A 98 2.61 -20.46 -3.41
CA SER A 98 2.22 -19.05 -3.26
C SER A 98 1.78 -18.42 -4.58
N MET A 99 0.69 -17.65 -4.54
CA MET A 99 0.12 -17.15 -5.79
C MET A 99 -0.31 -15.72 -5.62
N CYS A 100 -0.30 -14.99 -6.72
CA CYS A 100 -0.61 -13.57 -6.67
C CYS A 100 -1.52 -13.18 -7.82
N TYR A 101 -2.40 -12.23 -7.54
CA TYR A 101 -3.19 -11.60 -8.54
C TYR A 101 -2.99 -10.10 -8.48
N SER A 102 -2.63 -9.48 -9.61
CA SER A 102 -2.30 -8.04 -9.60
C SER A 102 -3.16 -7.25 -10.59
N MET A 103 -3.41 -6.00 -10.26
CA MET A 103 -4.17 -5.14 -11.17
C MET A 103 -3.85 -3.67 -10.94
N GLY A 104 -4.21 -2.83 -11.91
CA GLY A 104 -4.11 -1.39 -11.81
C GLY A 104 -5.33 -0.80 -12.47
N THR A 105 -5.16 0.42 -12.95
CA THR A 105 -6.28 1.17 -13.49
C THR A 105 -6.59 0.73 -14.92
N ALA A 106 -5.62 0.11 -15.57
CA ALA A 106 -5.78 -0.31 -16.98
C ALA A 106 -4.87 -1.50 -17.28
N ASP A 107 -4.98 -2.05 -18.48
CA ASP A 107 -4.16 -3.19 -18.89
C ASP A 107 -4.31 -4.42 -17.97
N ASN A 108 -5.52 -4.66 -17.52
CA ASN A 108 -5.76 -5.80 -16.63
C ASN A 108 -6.05 -7.10 -17.35
N LEU A 109 -5.95 -8.20 -16.60
CA LEU A 109 -6.11 -9.52 -17.16
C LEU A 109 -7.04 -10.22 -16.23
N PHE A 110 -8.27 -10.42 -16.68
CA PHE A 110 -9.31 -10.95 -15.82
C PHE A 110 -9.70 -12.34 -16.24
N PRO A 111 -9.75 -13.30 -15.28
CA PRO A 111 -10.36 -14.60 -15.55
C PRO A 111 -11.81 -14.38 -15.94
N SER A 112 -12.39 -15.35 -16.64
CA SER A 112 -13.81 -15.30 -17.03
C SER A 112 -14.82 -15.09 -15.90
N GLY A 113 -15.97 -14.53 -16.28
CA GLY A 113 -17.16 -14.51 -15.42
C GLY A 113 -17.34 -13.27 -14.56
N ASP A 114 -17.69 -13.52 -13.30
CA ASP A 114 -17.99 -12.45 -12.36
C ASP A 114 -16.73 -11.71 -11.92
N PHE A 115 -15.57 -12.29 -12.20
CA PHE A 115 -14.29 -11.81 -11.65
C PHE A 115 -14.06 -10.34 -11.92
N GLU A 116 -14.15 -9.92 -13.19
CA GLU A 116 -13.87 -8.53 -13.59
C GLU A 116 -14.73 -7.48 -12.90
N ARG A 117 -16.04 -7.68 -12.87
CA ARG A 117 -16.94 -6.80 -12.13
C ARG A 117 -16.58 -6.71 -10.65
N ILE A 118 -16.34 -7.85 -10.01
CA ILE A 118 -15.98 -7.85 -8.60
C ILE A 118 -14.64 -7.14 -8.36
N TRP A 119 -13.65 -7.45 -9.18
CA TRP A 119 -12.31 -6.93 -8.89
C TRP A 119 -12.13 -5.48 -9.32
N THR A 120 -12.85 -5.08 -10.36
CA THR A 120 -12.85 -3.67 -10.73
C THR A 120 -13.47 -2.80 -9.62
N GLN A 121 -14.58 -3.26 -9.07
CA GLN A 121 -15.20 -2.54 -7.98
C GLN A 121 -14.29 -2.46 -6.73
N TYR A 122 -13.71 -3.61 -6.37
CA TYR A 122 -12.76 -3.71 -5.27
C TYR A 122 -11.54 -2.81 -5.49
N PHE A 123 -10.96 -2.88 -6.69
CA PHE A 123 -9.86 -2.00 -6.99
C PHE A 123 -10.26 -0.52 -6.82
N ASP A 124 -11.42 -0.16 -7.36
CA ASP A 124 -11.87 1.21 -7.32
C ASP A 124 -12.02 1.73 -5.88
N ARG A 125 -12.65 0.95 -5.03
CA ARG A 125 -12.84 1.29 -3.62
C ARG A 125 -11.49 1.44 -2.92
N GLN A 126 -10.52 0.61 -3.29
CA GLN A 126 -9.17 0.69 -2.72
C GLN A 126 -8.47 1.95 -3.16
N TYR A 127 -8.59 2.23 -4.45
CA TYR A 127 -7.97 3.39 -5.03
C TYR A 127 -8.54 4.70 -4.44
N THR A 128 -9.87 4.75 -4.30
CA THR A 128 -10.52 5.88 -3.70
C THR A 128 -10.06 6.09 -2.26
N ALA A 129 -10.06 5.03 -1.47
CA ALA A 129 -9.65 5.11 -0.07
C ALA A 129 -8.22 5.62 0.02
N SER A 130 -7.34 5.08 -0.86
CA SER A 130 -5.92 5.41 -0.85
C SER A 130 -5.74 6.88 -1.18
N ARG A 131 -6.37 7.35 -2.26
CA ARG A 131 -6.29 8.78 -2.58
C ARG A 131 -6.82 9.61 -1.41
N ALA A 132 -7.95 9.17 -0.84
CA ALA A 132 -8.60 9.94 0.22
C ALA A 132 -7.70 10.08 1.45
N VAL A 133 -7.01 9.00 1.85
CA VAL A 133 -6.16 9.10 3.04
C VAL A 133 -4.87 9.88 2.71
N ALA A 134 -4.35 9.67 1.50
CA ALA A 134 -3.22 10.45 1.05
C ALA A 134 -3.54 11.94 1.05
N ARG A 135 -4.73 12.31 0.60
CA ARG A 135 -5.17 13.69 0.62
C ARG A 135 -5.15 14.26 2.04
N GLU A 136 -5.52 13.44 3.03
CA GLU A 136 -5.52 13.86 4.42
C GLU A 136 -4.11 13.96 4.97
N VAL A 137 -3.20 13.13 4.47
CA VAL A 137 -1.80 13.18 4.91
C VAL A 137 -1.24 14.50 4.38
N LEU A 138 -1.56 14.82 3.13
CA LEU A 138 -1.08 16.06 2.57
C LEU A 138 -1.64 17.29 3.30
N ARG A 139 -2.94 17.27 3.56
CA ARG A 139 -3.62 18.36 4.25
C ARG A 139 -3.06 18.54 5.66
N ALA A 140 -2.87 17.42 6.38
CA ALA A 140 -2.45 17.52 7.77
C ALA A 140 -1.05 18.14 7.86
N THR A 141 -0.26 18.00 6.80
CA THR A 141 1.15 18.44 6.82
C THR A 141 1.35 19.72 5.99
N GLY A 142 0.24 20.31 5.54
CA GLY A 142 0.25 21.55 4.79
C GLY A 142 1.01 21.45 3.51
N THR A 143 0.94 20.29 2.88
CA THR A 143 1.72 19.99 1.68
C THR A 143 0.95 20.18 0.38
N GLU A 144 1.52 21.00 -0.51
CA GLU A 144 1.03 21.18 -1.87
C GLU A 144 2.07 20.59 -2.82
N PRO A 145 1.84 19.35 -3.32
CA PRO A 145 2.84 18.82 -4.26
C PRO A 145 2.97 19.73 -5.47
N ASP A 146 4.16 19.77 -6.06
CA ASP A 146 4.44 20.45 -7.31
C ASP A 146 3.48 19.93 -8.38
N GLY A 147 2.75 20.85 -9.02
CA GLY A 147 1.75 20.47 -10.01
C GLY A 147 0.36 20.28 -9.43
N GLY A 148 0.25 20.31 -8.10
CA GLY A 148 -1.03 20.27 -7.42
C GLY A 148 -1.39 18.91 -6.83
N VAL A 149 -2.33 18.91 -5.89
CA VAL A 149 -2.72 17.70 -5.18
C VAL A 149 -3.39 16.67 -6.09
N GLU A 150 -4.34 17.10 -6.91
CA GLU A 150 -5.11 16.09 -7.64
C GLU A 150 -4.27 15.44 -8.73
N ALA A 151 -3.41 16.21 -9.40
CA ALA A 151 -2.49 15.65 -10.40
C ALA A 151 -1.53 14.63 -9.76
N PHE A 152 -1.14 14.92 -8.52
CA PHE A 152 -0.23 14.05 -7.76
C PHE A 152 -0.89 12.71 -7.41
N LEU A 153 -2.18 12.76 -7.10
CA LEU A 153 -2.93 11.59 -6.67
C LEU A 153 -3.54 10.77 -7.79
N ASP A 154 -3.64 11.36 -8.97
CA ASP A 154 -4.05 10.69 -10.18
C ASP A 154 -2.78 10.03 -10.67
N CYS A 155 -2.55 8.81 -10.22
CA CYS A 155 -1.18 8.29 -10.30
C CYS A 155 -1.12 6.86 -10.83
N GLU A 156 -0.22 6.07 -10.25
CA GLU A 156 0.17 4.76 -10.83
C GLU A 156 0.07 3.63 -9.82
N PRO A 157 -1.16 3.42 -9.30
CA PRO A 157 -1.38 2.45 -8.23
C PRO A 157 -1.19 1.03 -8.72
N LEU A 158 -0.87 0.15 -7.78
CA LEU A 158 -0.73 -1.26 -8.04
C LEU A 158 -1.36 -1.99 -6.89
N LEU A 159 -2.26 -2.91 -7.20
CA LEU A 159 -2.87 -3.78 -6.17
C LEU A 159 -2.32 -5.16 -6.39
N ARG A 160 -1.84 -5.79 -5.32
CA ARG A 160 -1.42 -7.17 -5.40
C ARG A 160 -2.11 -7.97 -4.34
N PHE A 161 -2.75 -9.05 -4.74
CA PHE A 161 -3.42 -9.95 -3.78
C PHE A 161 -2.65 -11.25 -3.73
N ARG A 162 -2.20 -11.65 -2.53
CA ARG A 162 -1.31 -12.81 -2.42
C ARG A 162 -1.88 -13.86 -1.49
N TYR A 163 -1.83 -15.11 -1.92
CA TYR A 163 -2.15 -16.26 -1.07
C TYR A 163 -0.81 -16.87 -0.61
N PHE A 164 -0.72 -17.11 0.69
CA PHE A 164 0.46 -17.70 1.28
C PHE A 164 0.02 -19.04 1.88
N PRO A 165 0.59 -20.16 1.37
CA PRO A 165 0.26 -21.45 1.96
C PRO A 165 0.90 -21.59 3.34
N GLN A 166 0.47 -22.58 4.12
CA GLN A 166 1.04 -22.80 5.45
C GLN A 166 2.56 -22.85 5.41
N ARG A 179 9.68 -14.63 7.29
CA ARG A 179 9.32 -15.06 5.93
C ARG A 179 9.65 -13.97 4.93
N MET A 180 9.54 -12.72 5.37
CA MET A 180 9.88 -11.57 4.55
C MET A 180 10.79 -10.64 5.35
N ALA A 181 11.87 -10.20 4.70
CA ALA A 181 12.90 -9.35 5.32
C ALA A 181 12.38 -7.93 5.56
N PRO A 182 12.88 -7.23 6.61
CA PRO A 182 12.36 -5.87 6.81
C PRO A 182 12.67 -4.92 5.66
N HIS A 183 11.69 -4.09 5.38
CA HIS A 183 11.82 -3.07 4.36
C HIS A 183 10.88 -1.96 4.69
N TYR A 184 11.02 -0.85 3.98
CA TYR A 184 10.03 0.20 4.02
C TYR A 184 9.52 0.30 2.59
N ASP A 185 8.31 0.83 2.45
CA ASP A 185 7.67 0.98 1.15
C ASP A 185 8.05 2.31 0.53
N LEU A 186 8.08 2.35 -0.80
CA LEU A 186 8.46 3.51 -1.59
C LEU A 186 7.23 4.17 -2.19
N SER A 187 6.06 3.70 -1.77
CA SER A 187 4.78 4.32 -2.13
C SER A 187 4.55 5.68 -1.44
N MET A 188 3.46 6.36 -1.81
CA MET A 188 2.96 7.49 -1.05
C MET A 188 2.35 6.89 0.21
N VAL A 189 1.31 6.07 0.03
CA VAL A 189 0.78 5.20 1.07
C VAL A 189 0.55 3.81 0.50
N THR A 190 0.50 2.83 1.40
CA THR A 190 0.14 1.45 1.07
C THR A 190 -1.01 1.04 1.98
N LEU A 191 -2.09 0.51 1.39
CA LEU A 191 -3.26 0.02 2.16
C LEU A 191 -3.19 -1.48 2.21
N ILE A 192 -3.40 -2.09 3.38
CA ILE A 192 -3.28 -3.52 3.54
C ILE A 192 -4.53 -4.08 4.23
N GLN A 193 -5.14 -5.05 3.56
CA GLN A 193 -6.27 -5.81 4.10
C GLN A 193 -5.80 -7.23 4.14
N GLN A 194 -5.79 -7.80 5.33
CA GLN A 194 -5.34 -9.18 5.51
C GLN A 194 -6.53 -10.07 5.80
N THR A 195 -6.35 -11.36 5.56
CA THR A 195 -7.20 -12.35 6.22
C THR A 195 -6.32 -13.11 7.19
N PRO A 196 -6.88 -13.45 8.36
CA PRO A 196 -6.11 -14.02 9.46
C PRO A 196 -5.76 -15.50 9.28
N CYS A 197 -4.69 -15.92 9.95
CA CYS A 197 -4.35 -17.32 10.04
C CYS A 197 -5.45 -17.95 10.86
N ALA A 198 -5.89 -19.14 10.45
CA ALA A 198 -6.94 -19.86 11.17
C ALA A 198 -6.54 -20.01 12.63
N ASN A 199 -5.27 -20.38 12.85
CA ASN A 199 -4.71 -20.60 14.20
C ASN A 199 -4.51 -19.31 15.04
N GLY A 200 -4.69 -18.14 14.42
CA GLY A 200 -4.63 -16.85 15.12
C GLY A 200 -3.26 -16.19 15.23
N PHE A 201 -2.23 -16.80 14.65
CA PHE A 201 -0.89 -16.19 14.53
C PHE A 201 -0.95 -14.84 13.81
N VAL A 202 -0.21 -13.85 14.31
CA VAL A 202 -0.15 -12.52 13.69
C VAL A 202 1.20 -12.38 12.96
N SER A 203 1.16 -12.41 11.63
CA SER A 203 2.40 -12.43 10.82
C SER A 203 3.08 -11.06 10.57
N LEU A 204 2.29 -10.06 10.22
CA LEU A 204 2.82 -8.74 9.88
C LEU A 204 3.24 -7.97 11.14
N GLN A 205 4.44 -7.39 11.08
CA GLN A 205 4.97 -6.59 12.17
C GLN A 205 5.62 -5.34 11.64
N ALA A 206 5.57 -4.27 12.44
CA ALA A 206 6.17 -3.01 12.08
C ALA A 206 6.98 -2.44 13.22
N GLU A 207 8.06 -1.74 12.89
CA GLU A 207 8.82 -1.05 13.93
C GLU A 207 7.99 0.12 14.46
N VAL A 208 7.65 0.08 15.75
CA VAL A 208 6.98 1.20 16.40
C VAL A 208 7.68 1.49 17.71
N GLY A 209 8.14 2.74 17.87
CA GLY A 209 8.86 3.15 19.07
C GLY A 209 10.09 2.30 19.31
N GLY A 210 10.74 1.90 18.23
CA GLY A 210 11.96 1.09 18.30
C GLY A 210 11.74 -0.37 18.63
N ALA A 211 10.52 -0.84 18.47
CA ALA A 211 10.19 -2.23 18.78
C ALA A 211 9.28 -2.75 17.67
N PHE A 212 9.45 -4.00 17.27
CA PHE A 212 8.52 -4.58 16.31
C PHE A 212 7.18 -4.95 16.96
N THR A 213 6.12 -4.37 16.40
CA THR A 213 4.75 -4.41 16.93
C THR A 213 3.85 -5.18 15.95
N ASP A 214 3.06 -6.11 16.50
CA ASP A 214 2.03 -6.82 15.76
C ASP A 214 1.09 -5.92 15.02
N LEU A 215 0.70 -6.38 13.83
CA LEU A 215 -0.29 -5.69 13.01
C LEU A 215 -1.36 -6.68 12.57
N PRO A 216 -2.27 -7.01 13.51
CA PRO A 216 -3.26 -8.05 13.24
C PRO A 216 -4.36 -7.59 12.28
N TYR A 217 -4.99 -8.57 11.67
CA TYR A 217 -6.28 -8.40 11.00
C TYR A 217 -7.28 -7.59 11.83
N ARG A 218 -7.99 -6.67 11.19
CA ARG A 218 -9.10 -5.95 11.81
C ARG A 218 -10.26 -6.07 10.82
N PRO A 219 -11.32 -6.85 11.15
CA PRO A 219 -12.36 -6.97 10.14
C PRO A 219 -12.94 -5.61 9.76
N ASP A 220 -12.78 -4.63 10.64
CA ASP A 220 -13.40 -3.32 10.47
C ASP A 220 -12.50 -2.21 9.91
N ALA A 221 -11.24 -2.54 9.65
CA ALA A 221 -10.25 -1.51 9.35
C ALA A 221 -9.20 -1.97 8.36
N VAL A 222 -8.67 -1.02 7.60
CA VAL A 222 -7.52 -1.29 6.75
C VAL A 222 -6.26 -0.74 7.41
N LEU A 223 -5.14 -1.42 7.26
CA LEU A 223 -3.84 -0.91 7.72
C LEU A 223 -3.23 -0.01 6.66
N VAL A 224 -2.75 1.17 7.05
CA VAL A 224 -2.06 2.07 6.16
C VAL A 224 -0.63 2.20 6.59
N PHE A 225 0.30 1.91 5.68
CA PHE A 225 1.70 2.28 5.87
C PHE A 225 1.97 3.54 5.05
N CYS A 226 2.58 4.53 5.68
CA CYS A 226 3.16 5.62 4.92
C CYS A 226 4.42 5.12 4.23
N GLY A 227 4.60 5.53 2.98
CA GLY A 227 5.79 5.18 2.23
C GLY A 227 6.77 6.35 2.10
N ALA A 228 7.93 6.06 1.53
CA ALA A 228 8.99 7.04 1.35
C ALA A 228 8.55 8.25 0.54
N ILE A 229 7.60 8.04 -0.37
CA ILE A 229 7.10 9.19 -1.12
C ILE A 229 6.30 10.17 -0.22
N ALA A 230 5.64 9.65 0.83
CA ALA A 230 4.98 10.57 1.78
C ALA A 230 6.05 11.39 2.51
N THR A 231 7.14 10.72 2.89
CA THR A 231 8.24 11.39 3.52
C THR A 231 8.78 12.47 2.58
N LEU A 232 8.97 12.11 1.32
CA LEU A 232 9.61 13.00 0.38
C LEU A 232 8.72 14.19 0.11
N VAL A 233 7.47 13.93 -0.29
CA VAL A 233 6.58 15.03 -0.71
C VAL A 233 6.33 16.06 0.41
N THR A 234 6.19 15.59 1.64
CA THR A 234 5.88 16.46 2.77
C THR A 234 7.14 17.07 3.39
N GLY A 235 8.31 16.86 2.79
CA GLY A 235 9.56 17.42 3.37
C GLY A 235 9.90 16.88 4.74
N GLY A 236 9.63 15.60 4.94
CA GLY A 236 10.12 14.89 6.11
C GLY A 236 9.16 14.87 7.26
N GLN A 237 7.90 15.21 6.99
CA GLN A 237 6.91 15.30 8.07
C GLN A 237 6.26 13.97 8.34
N VAL A 238 6.58 13.00 7.50
CA VAL A 238 5.96 11.71 7.62
C VAL A 238 7.02 10.61 7.63
N LYS A 239 6.94 9.72 8.61
CA LYS A 239 7.81 8.57 8.74
C LYS A 239 7.39 7.42 7.80
N ALA A 240 8.39 6.76 7.20
CA ALA A 240 8.16 5.57 6.39
C ALA A 240 8.62 4.38 7.23
N PRO A 241 7.70 3.71 7.93
CA PRO A 241 8.21 2.71 8.88
C PRO A 241 8.64 1.40 8.23
N ARG A 242 9.67 0.78 8.79
CA ARG A 242 10.05 -0.57 8.38
C ARG A 242 9.07 -1.64 8.89
N HIS A 243 8.88 -2.69 8.12
CA HIS A 243 7.99 -3.77 8.55
C HIS A 243 8.48 -5.08 7.95
N HIS A 244 7.93 -6.17 8.44
CA HIS A 244 8.33 -7.48 8.00
C HIS A 244 7.21 -8.46 8.29
N VAL A 245 7.38 -9.71 7.86
CA VAL A 245 6.44 -10.78 8.22
C VAL A 245 7.16 -11.88 9.00
N ALA A 246 6.65 -12.18 10.20
CA ALA A 246 7.23 -13.23 11.06
C ALA A 246 6.76 -14.63 10.68
N ALA A 247 7.60 -15.63 10.99
CA ALA A 247 7.26 -17.04 10.77
C ALA A 247 6.71 -17.62 12.07
N PRO A 248 5.72 -18.54 11.98
CA PRO A 248 5.21 -19.16 13.21
C PRO A 248 6.22 -20.10 13.90
N GLY A 255 -2.37 -24.25 10.78
CA GLY A 255 -3.29 -23.15 10.48
C GLY A 255 -2.65 -21.79 10.17
N SER A 256 -1.46 -21.82 9.58
CA SER A 256 -0.65 -20.61 9.39
C SER A 256 -0.79 -19.93 8.02
N SER A 257 -1.64 -20.47 7.16
CA SER A 257 -1.87 -19.86 5.84
C SER A 257 -2.59 -18.51 6.00
N ARG A 258 -2.33 -17.59 5.07
CA ARG A 258 -2.92 -16.26 5.11
C ARG A 258 -2.95 -15.67 3.69
N THR A 259 -3.75 -14.62 3.51
CA THR A 259 -3.72 -13.78 2.30
C THR A 259 -3.56 -12.35 2.69
N SER A 260 -3.01 -11.55 1.79
CA SER A 260 -3.02 -10.10 1.96
C SER A 260 -3.35 -9.44 0.64
N SER A 261 -4.10 -8.34 0.74
CA SER A 261 -4.34 -7.41 -0.35
C SER A 261 -3.49 -6.20 -0.08
N VAL A 262 -2.57 -5.89 -0.98
CA VAL A 262 -1.68 -4.75 -0.78
C VAL A 262 -1.86 -3.77 -1.92
N PHE A 263 -2.28 -2.58 -1.56
CA PHE A 263 -2.50 -1.53 -2.57
C PHE A 263 -1.43 -0.45 -2.41
N PHE A 264 -0.49 -0.38 -3.37
CA PHE A 264 0.47 0.71 -3.38
C PHE A 264 -0.07 1.92 -4.14
N LEU A 265 -0.20 3.06 -3.48
CA LEU A 265 -0.43 4.33 -4.22
C LEU A 265 0.93 4.92 -4.59
N ARG A 266 1.27 4.80 -5.87
CA ARG A 266 2.59 5.15 -6.36
C ARG A 266 2.52 6.38 -7.25
N PRO A 267 3.49 7.29 -7.13
CA PRO A 267 3.43 8.57 -7.85
C PRO A 267 3.68 8.32 -9.34
N ASN A 268 3.29 9.29 -10.17
CA ASN A 268 3.65 9.28 -11.57
C ASN A 268 5.14 9.50 -11.76
N ALA A 269 5.64 9.04 -12.90
CA ALA A 269 7.08 9.17 -13.22
C ALA A 269 7.55 10.61 -13.18
N ASP A 270 6.64 11.52 -13.54
CA ASP A 270 7.00 12.93 -13.55
C ASP A 270 6.73 13.71 -12.29
N PHE A 271 6.42 13.02 -11.19
CA PHE A 271 6.33 13.66 -9.90
C PHE A 271 7.65 14.36 -9.66
N THR A 272 7.59 15.64 -9.32
CA THR A 272 8.77 16.48 -9.21
C THR A 272 8.94 16.97 -7.76
N PHE A 273 10.18 16.91 -7.28
CA PHE A 273 10.47 17.37 -5.92
C PHE A 273 11.79 18.14 -5.85
N SER A 274 11.97 18.84 -4.74
CA SER A 274 13.19 19.58 -4.50
C SER A 274 14.33 18.65 -4.05
N VAL A 275 15.45 18.72 -4.76
CA VAL A 275 16.62 17.93 -4.40
C VAL A 275 17.23 18.29 -3.01
N PRO A 276 17.48 19.59 -2.74
CA PRO A 276 17.97 19.89 -1.39
C PRO A 276 17.02 19.47 -0.30
N LEU A 277 15.72 19.60 -0.53
CA LEU A 277 14.77 19.18 0.49
C LEU A 277 14.77 17.66 0.73
N ALA A 278 14.97 16.88 -0.33
CA ALA A 278 15.07 15.43 -0.20
C ALA A 278 16.27 15.08 0.68
N ARG A 279 17.41 15.69 0.39
CA ARG A 279 18.62 15.45 1.20
C ARG A 279 18.38 15.77 2.66
N GLU A 280 17.66 16.84 2.96
CA GLU A 280 17.34 17.25 4.35
C GLU A 280 16.56 16.22 5.16
N CYS A 281 15.79 15.37 4.49
CA CYS A 281 15.02 14.39 5.26
C CYS A 281 15.54 12.94 5.20
N GLY A 282 16.77 12.81 4.72
CA GLY A 282 17.50 11.56 4.78
C GLY A 282 17.66 10.81 3.48
N PHE A 283 17.14 11.35 2.38
CA PHE A 283 17.31 10.68 1.10
C PHE A 283 18.74 10.83 0.60
N ASP A 284 19.41 9.69 0.37
CA ASP A 284 20.82 9.73 -0.08
C ASP A 284 20.93 9.88 -1.61
N VAL A 285 20.40 10.99 -2.08
CA VAL A 285 20.23 11.17 -3.52
C VAL A 285 21.57 11.53 -4.17
N SER A 286 21.75 11.03 -5.40
CA SER A 286 22.87 11.36 -6.26
C SER A 286 22.27 12.10 -7.46
N LEU A 287 21.85 13.35 -7.27
CA LEU A 287 21.09 14.04 -8.28
C LEU A 287 21.67 15.39 -8.47
N ASP A 288 22.03 15.71 -9.70
CA ASP A 288 22.66 17.00 -9.94
C ASP A 288 21.56 18.08 -10.06
N GLY A 289 21.87 19.29 -9.62
CA GLY A 289 20.88 20.37 -9.70
C GLY A 289 19.75 20.28 -8.67
N GLU A 290 18.75 21.13 -8.86
CA GLU A 290 17.88 21.52 -7.77
C GLU A 290 16.52 20.83 -7.68
N THR A 291 16.00 20.36 -8.79
CA THR A 291 14.75 19.57 -8.77
C THR A 291 15.00 18.26 -9.51
N ALA A 292 14.15 17.28 -9.25
CA ALA A 292 14.25 15.98 -9.90
C ALA A 292 12.87 15.36 -9.95
N THR A 293 12.72 14.34 -10.79
CA THR A 293 11.45 13.63 -10.90
C THR A 293 11.59 12.28 -10.23
N PHE A 294 10.46 11.66 -9.98
CA PHE A 294 10.46 10.30 -9.44
C PHE A 294 11.30 9.35 -10.33
N GLN A 295 11.17 9.49 -11.65
CA GLN A 295 11.97 8.67 -12.58
C GLN A 295 13.48 8.95 -12.42
N ASP A 296 13.85 10.21 -12.20
CA ASP A 296 15.26 10.54 -12.04
C ASP A 296 15.81 9.78 -10.82
N TRP A 297 14.98 9.68 -9.80
CA TRP A 297 15.48 9.12 -8.54
C TRP A 297 15.50 7.60 -8.58
N ILE A 298 14.35 7.02 -8.91
CA ILE A 298 14.12 5.56 -8.85
C ILE A 298 14.62 4.80 -10.10
N GLY A 299 14.63 5.50 -11.24
CA GLY A 299 14.96 4.89 -12.48
C GLY A 299 13.73 4.57 -13.30
N GLY A 300 13.90 3.69 -14.28
CA GLY A 300 12.88 3.50 -15.31
C GLY A 300 11.92 2.34 -15.05
N ASN A 301 12.08 1.67 -13.91
CA ASN A 301 11.13 0.64 -13.47
C ASN A 301 10.68 0.97 -12.05
N TYR A 302 9.40 0.84 -11.74
CA TYR A 302 8.98 1.04 -10.36
C TYR A 302 9.73 0.07 -9.44
N VAL A 303 10.09 0.59 -8.27
CA VAL A 303 10.67 -0.15 -7.20
C VAL A 303 9.75 0.11 -5.99
N ASN A 304 9.15 -0.94 -5.46
CA ASN A 304 8.08 -0.78 -4.48
C ASN A 304 8.54 -0.74 -3.04
N ILE A 305 9.69 -1.34 -2.77
CA ILE A 305 10.17 -1.51 -1.41
C ILE A 305 11.67 -1.30 -1.40
N ARG A 306 12.20 -1.03 -0.21
CA ARG A 306 13.64 -0.83 -0.05
C ARG A 306 14.08 -1.29 1.32
N ARG A 307 15.28 -1.83 1.39
CA ARG A 307 15.85 -2.21 2.68
C ARG A 307 16.90 -1.18 3.15
N THR A 308 17.14 -1.13 4.45
CA THR A 308 18.05 -0.13 5.01
C THR A 308 19.54 -0.39 4.64
#